data_4GA9
#
_entry.id   4GA9
#
_cell.length_a   106.388
_cell.length_b   106.440
_cell.length_c   107.978
_cell.angle_alpha   90.000
_cell.angle_beta   90.000
_cell.angle_gamma   90.000
#
_symmetry.space_group_name_H-M   'F 2 2 2'
#
loop_
_entity.id
_entity.type
_entity.pdbx_description
1 polymer Galectin-1
2 branched beta-D-galactopyranose-(1-4)-alpha-D-glucopyranose
3 water water
#
_entity_poly.entity_id   1
_entity_poly.type   'polypeptide(L)'
_entity_poly.pdbx_seq_one_letter_code
;ACGLVASNLNLKPGECLKVRGELAPDAKSFVLNLGKDSNNLCLHFNPRFNAHGDANTIVCNSKDDGTWGTEQRETAFPFQ
PGSITEVCITFDQADLTIKLPDGHEFKFPNRLNMEAINYMAADGDFKVKCVAFE
;
_entity_poly.pdbx_strand_id   A,B
#
loop_
_chem_comp.id
_chem_comp.type
_chem_comp.name
_chem_comp.formula
GAL D-saccharide, beta linking beta-D-galactopyranose 'C6 H12 O6'
GLC D-saccharide, alpha linking alpha-D-glucopyranose 'C6 H12 O6'
#
# COMPACT_ATOMS: atom_id res chain seq x y z
N ALA A 1 11.15 10.70 -5.19
CA ALA A 1 10.18 9.75 -4.60
C ALA A 1 8.76 10.13 -5.02
N CYS A 2 8.36 9.65 -6.20
CA CYS A 2 7.06 9.97 -6.76
C CYS A 2 6.10 8.78 -6.68
N GLY A 3 6.63 7.58 -6.53
CA GLY A 3 5.82 6.38 -6.45
C GLY A 3 5.18 6.17 -5.09
N LEU A 4 4.39 5.10 -4.98
CA LEU A 4 3.68 4.76 -3.75
C LEU A 4 4.62 4.71 -2.56
N VAL A 5 4.21 5.35 -1.46
CA VAL A 5 4.94 5.26 -0.20
C VAL A 5 3.99 4.72 0.85
N ALA A 6 4.39 3.67 1.53
CA ALA A 6 3.56 3.05 2.55
C ALA A 6 4.32 2.97 3.86
N SER A 7 3.65 3.33 4.96
CA SER A 7 4.21 3.21 6.28
C SER A 7 3.24 2.46 7.19
N ASN A 8 3.72 2.07 8.37
CA ASN A 8 3.01 1.17 9.29
C ASN A 8 2.77 -0.22 8.69
N LEU A 9 3.72 -0.68 7.86
CA LEU A 9 3.64 -2.02 7.23
C LEU A 9 3.57 -3.17 8.22
N ASN A 10 4.30 -3.04 9.33
CA ASN A 10 4.43 -4.10 10.34
C ASN A 10 4.73 -5.50 9.77
N LEU A 11 5.61 -5.55 8.77
CA LEU A 11 6.08 -6.83 8.25
C LEU A 11 7.05 -7.47 9.24
N LYS A 12 6.74 -8.69 9.64
CA LYS A 12 7.54 -9.43 10.62
C LYS A 12 8.37 -10.52 9.93
N PRO A 13 9.37 -11.08 10.62
CA PRO A 13 10.20 -12.10 9.97
C PRO A 13 9.37 -13.28 9.47
N GLY A 14 9.72 -13.78 8.28
CA GLY A 14 9.04 -14.93 7.69
C GLY A 14 7.81 -14.63 6.86
N GLU A 15 7.27 -13.42 7.01
CA GLU A 15 6.10 -13.00 6.24
C GLU A 15 6.53 -12.40 4.90
N CYS A 16 5.85 -12.82 3.84
CA CYS A 16 6.22 -12.41 2.48
C CYS A 16 5.50 -11.13 2.08
N LEU A 17 6.27 -10.17 1.56
CA LEU A 17 5.69 -8.98 0.95
C LEU A 17 5.73 -9.07 -0.58
N LYS A 18 4.55 -9.14 -1.19
CA LYS A 18 4.45 -9.35 -2.62
C LYS A 18 4.08 -8.04 -3.31
N VAL A 19 4.90 -7.62 -4.26
CA VAL A 19 4.70 -6.34 -4.94
C VAL A 19 4.67 -6.58 -6.45
N ARG A 20 3.57 -6.17 -7.07
CA ARG A 20 3.37 -6.38 -8.47
C ARG A 20 3.13 -5.03 -9.11
N GLY A 21 3.68 -4.81 -10.30
CA GLY A 21 3.53 -3.52 -10.95
C GLY A 21 3.89 -3.47 -12.42
N GLU A 22 3.78 -2.28 -13.00
CA GLU A 22 3.97 -2.10 -14.44
C GLU A 22 5.26 -1.34 -14.71
N LEU A 23 6.14 -1.95 -15.51
CA LEU A 23 7.36 -1.28 -15.91
C LEU A 23 7.08 -0.42 -17.12
N ALA A 24 7.52 0.84 -17.06
CA ALA A 24 7.34 1.80 -18.15
C ALA A 24 7.83 1.26 -19.50
N PRO A 25 7.24 1.72 -20.62
CA PRO A 25 7.67 1.25 -21.93
C PRO A 25 9.15 1.55 -22.24
N ASP A 26 9.68 2.60 -21.65
CA ASP A 26 11.07 3.00 -21.85
C ASP A 26 11.86 2.95 -20.54
N ALA A 27 11.48 2.03 -19.66
CA ALA A 27 12.08 1.88 -18.33
C ALA A 27 13.61 1.91 -18.39
N LYS A 28 14.23 2.70 -17.51
CA LYS A 28 15.67 2.74 -17.41
C LYS A 28 16.14 2.18 -16.07
N SER A 29 15.28 2.34 -15.06
CA SER A 29 15.62 1.99 -13.69
C SER A 29 14.33 2.01 -12.88
N PHE A 30 14.17 1.09 -11.93
CA PHE A 30 13.10 1.21 -10.93
C PHE A 30 13.57 0.74 -9.55
N VAL A 31 12.86 1.17 -8.50
CA VAL A 31 13.33 0.96 -7.14
C VAL A 31 12.19 0.49 -6.23
N LEU A 32 12.50 -0.50 -5.39
CA LEU A 32 11.67 -0.80 -4.24
C LEU A 32 12.54 -0.61 -2.99
N ASN A 33 12.11 0.26 -2.09
CA ASN A 33 12.80 0.53 -0.83
C ASN A 33 12.00 -0.01 0.34
N LEU A 34 12.69 -0.70 1.25
CA LEU A 34 12.06 -1.23 2.47
C LEU A 34 12.90 -0.85 3.66
N GLY A 35 12.24 -0.64 4.80
CA GLY A 35 12.96 -0.36 6.05
C GLY A 35 12.12 0.25 7.15
N LYS A 36 12.75 1.08 7.98
CA LYS A 36 12.07 1.77 9.08
C LYS A 36 11.41 3.07 8.60
N ASP A 37 12.15 3.81 7.77
CA ASP A 37 11.71 5.10 7.24
C ASP A 37 12.57 5.43 6.01
N SER A 38 12.34 6.60 5.41
CA SER A 38 12.98 6.93 4.14
C SER A 38 14.51 7.05 4.23
N ASN A 39 15.04 7.32 5.42
CA ASN A 39 16.50 7.45 5.60
C ASN A 39 17.18 6.20 6.17
N ASN A 40 16.38 5.18 6.46
CA ASN A 40 16.87 3.96 7.10
C ASN A 40 16.30 2.73 6.43
N LEU A 41 17.06 2.19 5.47
CA LEU A 41 16.58 1.12 4.61
C LEU A 41 17.35 -0.17 4.79
N CYS A 42 16.65 -1.26 5.11
CA CYS A 42 17.26 -2.58 5.11
C CYS A 42 17.42 -3.09 3.68
N LEU A 43 16.58 -2.60 2.76
CA LEU A 43 16.69 -3.01 1.37
C LEU A 43 16.33 -1.88 0.42
N HIS A 44 17.32 -1.47 -0.36
CA HIS A 44 17.14 -0.64 -1.55
C HIS A 44 17.35 -1.59 -2.73
N PHE A 45 16.25 -1.96 -3.39
CA PHE A 45 16.25 -2.95 -4.48
C PHE A 45 16.09 -2.19 -5.79
N ASN A 46 17.16 -2.14 -6.58
CA ASN A 46 17.26 -1.25 -7.76
C ASN A 46 17.72 -1.97 -9.03
N PRO A 47 16.78 -2.64 -9.74
CA PRO A 47 17.04 -3.11 -11.10
C PRO A 47 17.31 -1.95 -12.05
N ARG A 48 18.49 -1.96 -12.65
CA ARG A 48 18.89 -0.93 -13.61
C ARG A 48 18.98 -1.51 -15.02
N PHE A 49 18.09 -1.07 -15.90
CA PHE A 49 18.14 -1.44 -17.32
C PHE A 49 19.35 -0.77 -17.95
N ASN A 50 19.45 0.54 -17.73
CA ASN A 50 20.61 1.33 -18.08
C ASN A 50 20.55 2.59 -17.22
N ALA A 51 21.27 2.56 -16.10
CA ALA A 51 21.36 3.71 -15.21
C ALA A 51 22.64 3.67 -14.38
N HIS A 52 23.22 4.85 -14.14
CA HIS A 52 24.40 4.99 -13.28
C HIS A 52 25.62 4.14 -13.70
N GLY A 53 25.71 3.85 -15.00
CA GLY A 53 26.82 3.06 -15.53
C GLY A 53 26.59 1.56 -15.52
N ASP A 54 25.47 1.13 -14.93
CA ASP A 54 25.09 -0.29 -14.95
C ASP A 54 24.09 -0.56 -16.07
N ALA A 55 24.26 -1.69 -16.74
CA ALA A 55 23.29 -2.15 -17.72
C ALA A 55 22.74 -3.49 -17.28
N ASN A 56 21.41 -3.62 -17.32
CA ASN A 56 20.70 -4.87 -16.99
C ASN A 56 21.24 -5.53 -15.72
N THR A 57 21.32 -4.75 -14.65
CA THR A 57 21.91 -5.22 -13.40
C THR A 57 21.02 -4.81 -12.24
N ILE A 58 20.75 -5.75 -11.32
CA ILE A 58 20.09 -5.42 -10.05
C ILE A 58 21.14 -4.96 -9.03
N VAL A 59 20.98 -3.74 -8.54
CA VAL A 59 21.85 -3.20 -7.51
C VAL A 59 21.04 -3.11 -6.22
N CYS A 60 21.59 -3.71 -5.17
CA CYS A 60 20.97 -3.64 -3.84
C CYS A 60 21.89 -2.92 -2.86
N ASN A 61 21.27 -2.18 -1.95
CA ASN A 61 22.02 -1.55 -0.88
C ASN A 61 21.18 -1.36 0.36
N SER A 62 21.85 -1.00 1.45
CA SER A 62 21.20 -0.54 2.65
C SER A 62 21.45 0.96 2.75
N LYS A 63 20.68 1.63 3.60
CA LYS A 63 20.86 3.05 3.86
C LYS A 63 20.68 3.28 5.35
N ASP A 64 21.77 3.71 5.99
CA ASP A 64 21.79 3.90 7.43
C ASP A 64 21.84 5.40 7.74
N ASP A 65 20.74 5.92 8.27
CA ASP A 65 20.62 7.36 8.59
C ASP A 65 21.03 8.28 7.43
N GLY A 66 20.62 7.91 6.22
CA GLY A 66 20.91 8.71 5.03
C GLY A 66 22.14 8.31 4.24
N THR A 67 23.00 7.48 4.84
CA THR A 67 24.24 7.04 4.18
C THR A 67 24.10 5.64 3.57
N TRP A 68 24.38 5.53 2.27
CA TRP A 68 24.33 4.27 1.55
C TRP A 68 25.42 3.35 2.09
N GLY A 69 25.14 2.05 2.16
CA GLY A 69 26.17 1.07 2.51
C GLY A 69 26.94 0.61 1.27
N THR A 70 27.56 -0.57 1.34
CA THR A 70 28.29 -1.10 0.18
C THR A 70 27.35 -1.93 -0.70
N GLU A 71 27.43 -1.69 -2.00
CA GLU A 71 26.49 -2.28 -2.95
C GLU A 71 26.69 -3.78 -3.15
N GLN A 72 25.60 -4.46 -3.49
CA GLN A 72 25.61 -5.85 -3.92
C GLN A 72 24.96 -5.88 -5.30
N ARG A 73 25.58 -6.55 -6.25
CA ARG A 73 25.00 -6.69 -7.59
C ARG A 73 24.62 -8.13 -7.93
N GLU A 74 23.50 -8.29 -8.61
CA GLU A 74 23.05 -9.60 -9.12
C GLU A 74 23.07 -9.64 -10.65
N THR A 75 23.51 -10.78 -11.19
CA THR A 75 23.65 -10.98 -12.64
C THR A 75 22.35 -11.17 -13.41
N ALA A 76 21.54 -12.14 -13.01
CA ALA A 76 20.26 -12.37 -13.67
C ALA A 76 19.40 -11.13 -13.61
N PHE A 77 18.65 -10.88 -14.69
CA PHE A 77 17.86 -9.67 -14.81
C PHE A 77 16.51 -9.99 -15.44
N PRO A 78 15.60 -10.61 -14.64
CA PRO A 78 14.32 -11.08 -15.16
C PRO A 78 13.26 -9.98 -15.34
N PHE A 79 13.62 -8.89 -16.01
CA PHE A 79 12.70 -7.78 -16.21
C PHE A 79 12.70 -7.30 -17.65
N GLN A 80 11.55 -6.82 -18.11
CA GLN A 80 11.44 -6.23 -19.43
C GLN A 80 10.57 -4.98 -19.36
N PRO A 81 11.02 -3.88 -19.99
CA PRO A 81 10.22 -2.65 -20.05
C PRO A 81 8.90 -2.83 -20.78
N GLY A 82 7.85 -2.18 -20.29
CA GLY A 82 6.53 -2.30 -20.88
C GLY A 82 5.75 -3.52 -20.42
N SER A 83 6.32 -4.28 -19.48
CA SER A 83 5.69 -5.49 -18.97
C SER A 83 5.35 -5.37 -17.48
N ILE A 84 4.46 -6.23 -17.01
CA ILE A 84 4.17 -6.35 -15.59
C ILE A 84 5.28 -7.21 -14.97
N THR A 85 5.63 -6.95 -13.72
CA THR A 85 6.57 -7.79 -13.00
C THR A 85 6.11 -7.95 -11.55
N GLU A 86 6.73 -8.89 -10.83
CA GLU A 86 6.36 -9.17 -9.45
C GLU A 86 7.56 -9.62 -8.64
N VAL A 87 7.74 -9.02 -7.47
CA VAL A 87 8.81 -9.42 -6.56
C VAL A 87 8.26 -9.74 -5.17
N CYS A 88 8.76 -10.82 -4.57
CA CYS A 88 8.42 -11.15 -3.18
C CYS A 88 9.62 -11.01 -2.27
N ILE A 89 9.42 -10.37 -1.13
CA ILE A 89 10.50 -10.18 -0.15
C ILE A 89 10.08 -10.68 1.23
N THR A 90 10.98 -11.41 1.87
CA THR A 90 10.83 -11.74 3.27
C THR A 90 12.17 -11.52 3.96
N PHE A 91 12.23 -11.71 5.27
CA PHE A 91 13.48 -11.54 6.00
C PHE A 91 13.52 -12.37 7.28
N ASP A 92 14.72 -12.54 7.80
CA ASP A 92 14.92 -13.07 9.16
C ASP A 92 16.03 -12.25 9.82
N GLN A 93 16.51 -12.70 10.98
CA GLN A 93 17.62 -12.03 11.68
C GLN A 93 18.85 -11.80 10.80
N ALA A 94 19.14 -12.77 9.92
CA ALA A 94 20.37 -12.77 9.15
C ALA A 94 20.25 -11.97 7.84
N ASP A 95 19.28 -12.33 7.02
CA ASP A 95 19.17 -11.78 5.66
C ASP A 95 17.75 -11.42 5.26
N LEU A 96 17.65 -10.60 4.24
CA LEU A 96 16.44 -10.49 3.44
C LEU A 96 16.54 -11.50 2.28
N THR A 97 15.41 -12.11 1.93
CA THR A 97 15.35 -12.98 0.76
C THR A 97 14.48 -12.30 -0.29
N ILE A 98 15.04 -12.15 -1.49
CA ILE A 98 14.33 -11.57 -2.62
C ILE A 98 14.02 -12.70 -3.59
N LYS A 99 12.73 -12.91 -3.83
CA LYS A 99 12.24 -13.88 -4.79
C LYS A 99 11.93 -13.19 -6.11
N LEU A 100 12.71 -13.54 -7.13
CA LEU A 100 12.57 -12.96 -8.47
C LEU A 100 11.57 -13.75 -9.32
N PRO A 101 10.91 -13.08 -10.29
CA PRO A 101 9.84 -13.71 -11.09
C PRO A 101 10.26 -14.83 -12.07
N ASP A 102 11.55 -14.94 -12.36
CA ASP A 102 12.05 -16.07 -13.16
C ASP A 102 12.30 -17.30 -12.29
N GLY A 103 11.94 -17.20 -11.02
CA GLY A 103 12.08 -18.30 -10.06
C GLY A 103 13.39 -18.24 -9.30
N HIS A 104 14.25 -17.29 -9.69
CA HIS A 104 15.51 -17.05 -9.00
C HIS A 104 15.28 -16.42 -7.62
N GLU A 105 16.20 -16.68 -6.71
CA GLU A 105 16.14 -16.20 -5.35
C GLU A 105 17.53 -15.78 -4.90
N PHE A 106 17.65 -14.65 -4.21
CA PHE A 106 18.93 -14.24 -3.64
C PHE A 106 18.76 -13.53 -2.30
N LYS A 107 19.87 -13.44 -1.56
CA LYS A 107 19.87 -12.93 -0.19
C LYS A 107 20.62 -11.62 -0.10
N PHE A 108 20.16 -10.74 0.80
CA PHE A 108 20.85 -9.50 1.11
C PHE A 108 20.92 -9.34 2.62
N PRO A 109 22.13 -9.09 3.16
CA PRO A 109 22.28 -9.09 4.63
C PRO A 109 21.42 -8.05 5.35
N ASN A 110 20.86 -8.44 6.49
CA ASN A 110 20.09 -7.56 7.36
C ASN A 110 21.05 -6.75 8.24
N ARG A 111 21.75 -5.81 7.61
CA ARG A 111 22.84 -5.06 8.22
C ARG A 111 22.43 -4.20 9.40
N LEU A 112 21.22 -3.66 9.35
CA LEU A 112 20.73 -2.77 10.39
C LEU A 112 20.03 -3.54 11.52
N ASN A 113 20.12 -4.88 11.45
CA ASN A 113 19.49 -5.81 12.38
C ASN A 113 18.01 -5.53 12.63
N MET A 114 17.28 -5.19 11.56
CA MET A 114 15.85 -4.87 11.66
C MET A 114 15.01 -6.08 12.06
N GLU A 115 14.12 -5.88 13.03
CA GLU A 115 13.21 -6.93 13.49
C GLU A 115 11.80 -6.76 12.92
N ALA A 116 11.56 -5.60 12.33
CA ALA A 116 10.29 -5.29 11.70
C ALA A 116 10.50 -4.31 10.55
N ILE A 117 9.74 -4.50 9.48
CA ILE A 117 9.78 -3.56 8.35
C ILE A 117 8.49 -2.76 8.38
N ASN A 118 8.62 -1.44 8.53
CA ASN A 118 7.46 -0.56 8.62
C ASN A 118 7.25 0.38 7.45
N TYR A 119 8.19 0.39 6.52
CA TYR A 119 8.20 1.35 5.43
C TYR A 119 8.48 0.65 4.11
N MET A 120 7.68 0.97 3.08
CA MET A 120 8.02 0.65 1.70
C MET A 120 7.74 1.84 0.78
N ALA A 121 8.53 1.94 -0.29
CA ALA A 121 8.31 2.96 -1.30
C ALA A 121 8.75 2.42 -2.65
N ALA A 122 7.98 2.75 -3.68
CA ALA A 122 8.37 2.45 -5.05
C ALA A 122 8.85 3.75 -5.68
N ASP A 123 9.79 3.62 -6.61
CA ASP A 123 10.35 4.78 -7.30
C ASP A 123 10.85 4.36 -8.68
N GLY A 124 11.09 5.34 -9.54
CA GLY A 124 11.58 5.06 -10.89
C GLY A 124 10.47 4.64 -11.84
N ASP A 125 10.83 3.83 -12.84
CA ASP A 125 9.98 3.53 -13.98
C ASP A 125 9.05 2.33 -13.77
N PHE A 126 8.36 2.34 -12.64
CA PHE A 126 7.57 1.22 -12.13
C PHE A 126 6.32 1.81 -11.47
N LYS A 127 5.15 1.27 -11.79
CA LYS A 127 3.90 1.69 -11.15
C LYS A 127 3.30 0.51 -10.42
N VAL A 128 3.20 0.61 -9.09
CA VAL A 128 2.66 -0.47 -8.29
C VAL A 128 1.20 -0.70 -8.69
N LYS A 129 0.84 -1.97 -8.89
CA LYS A 129 -0.54 -2.32 -9.20
C LYS A 129 -1.16 -3.17 -8.09
N CYS A 130 -0.32 -3.83 -7.30
CA CYS A 130 -0.82 -4.68 -6.21
C CYS A 130 0.27 -4.86 -5.13
N VAL A 131 -0.12 -4.69 -3.88
CA VAL A 131 0.74 -5.02 -2.74
C VAL A 131 -0.02 -6.00 -1.86
N ALA A 132 0.61 -7.12 -1.53
CA ALA A 132 -0.04 -8.13 -0.70
C ALA A 132 0.87 -8.53 0.45
N PHE A 133 0.28 -8.81 1.60
CA PHE A 133 0.99 -9.25 2.79
C PHE A 133 0.51 -10.66 3.17
N GLU A 134 1.45 -11.54 3.52
CA GLU A 134 1.05 -12.86 4.00
C GLU A 134 0.71 -12.78 5.50
N ALA B 1 -3.27 3.64 17.16
CA ALA B 1 -1.91 3.35 16.59
C ALA B 1 -1.88 3.57 15.10
N CYS B 2 -2.96 3.15 14.43
CA CYS B 2 -3.09 3.25 12.97
C CYS B 2 -2.46 2.09 12.23
N GLY B 3 -3.18 1.61 11.21
CA GLY B 3 -2.69 0.58 10.33
C GLY B 3 -1.99 1.23 9.15
N LEU B 4 -1.98 0.51 8.03
CA LEU B 4 -1.29 0.93 6.82
C LEU B 4 -1.65 2.36 6.41
N VAL B 5 -0.63 3.17 6.16
CA VAL B 5 -0.82 4.49 5.57
C VAL B 5 -0.08 4.53 4.24
N ALA B 6 -0.77 4.97 3.20
CA ALA B 6 -0.18 5.03 1.87
C ALA B 6 -0.39 6.40 1.25
N SER B 7 0.68 6.94 0.67
CA SER B 7 0.61 8.22 -0.01
C SER B 7 1.21 8.07 -1.41
N ASN B 8 0.98 9.08 -2.26
CA ASN B 8 1.30 9.02 -3.69
C ASN B 8 0.50 7.95 -4.42
N LEU B 9 -0.75 7.73 -4.00
CA LEU B 9 -1.67 6.78 -4.64
C LEU B 9 -1.94 7.06 -6.11
N ASN B 10 -2.07 8.35 -6.45
CA ASN B 10 -2.39 8.79 -7.81
C ASN B 10 -3.64 8.12 -8.41
N LEU B 11 -4.62 7.82 -7.56
CA LEU B 11 -5.89 7.27 -8.05
C LEU B 11 -6.69 8.33 -8.81
N LYS B 12 -6.99 8.01 -10.08
CA LYS B 12 -7.71 8.93 -10.97
C LYS B 12 -9.19 8.54 -11.05
N PRO B 13 -10.04 9.45 -11.55
CA PRO B 13 -11.46 9.10 -11.70
C PRO B 13 -11.68 7.84 -12.53
N GLY B 14 -12.62 7.01 -12.09
CA GLY B 14 -12.97 5.79 -12.81
C GLY B 14 -12.10 4.60 -12.50
N GLU B 15 -10.96 4.85 -11.86
CA GLU B 15 -10.02 3.79 -11.48
C GLU B 15 -10.42 3.21 -10.14
N CYS B 16 -10.34 1.89 -10.01
CA CYS B 16 -10.82 1.18 -8.83
C CYS B 16 -9.73 0.85 -7.84
N LEU B 17 -9.98 1.18 -6.59
CA LEU B 17 -9.09 0.84 -5.50
C LEU B 17 -9.70 -0.31 -4.70
N LYS B 18 -9.03 -1.45 -4.70
CA LYS B 18 -9.52 -2.65 -4.06
C LYS B 18 -8.72 -2.89 -2.79
N VAL B 19 -9.41 -2.94 -1.66
CA VAL B 19 -8.75 -3.16 -0.37
C VAL B 19 -9.32 -4.40 0.31
N ARG B 20 -8.45 -5.34 0.62
CA ARG B 20 -8.86 -6.59 1.23
C ARG B 20 -8.13 -6.71 2.57
N GLY B 21 -8.82 -7.21 3.59
CA GLY B 21 -8.21 -7.33 4.91
C GLY B 21 -8.90 -8.23 5.91
N GLU B 22 -8.31 -8.33 7.09
CA GLU B 22 -8.79 -9.23 8.14
C GLU B 22 -9.43 -8.42 9.26
N LEU B 23 -10.67 -8.74 9.58
CA LEU B 23 -11.35 -8.10 10.70
C LEU B 23 -11.03 -8.85 11.98
N ALA B 24 -10.62 -8.11 13.02
CA ALA B 24 -10.28 -8.71 14.32
C ALA B 24 -11.38 -9.63 14.83
N PRO B 25 -11.02 -10.67 15.61
CA PRO B 25 -12.05 -11.56 16.17
C PRO B 25 -13.09 -10.84 17.06
N ASP B 26 -12.70 -9.71 17.64
CA ASP B 26 -13.59 -8.94 18.49
C ASP B 26 -13.80 -7.52 17.95
N ALA B 27 -13.75 -7.39 16.63
CA ALA B 27 -13.84 -6.09 15.95
C ALA B 27 -15.01 -5.27 16.47
N LYS B 28 -14.77 -4.00 16.76
CA LYS B 28 -15.83 -3.08 17.17
C LYS B 28 -16.07 -2.00 16.13
N SER B 29 -15.02 -1.69 15.37
CA SER B 29 -15.03 -0.57 14.42
C SER B 29 -13.79 -0.72 13.54
N PHE B 30 -13.91 -0.42 12.25
CA PHE B 30 -12.71 -0.25 11.41
C PHE B 30 -12.89 0.90 10.42
N VAL B 31 -11.78 1.41 9.90
CA VAL B 31 -11.83 2.61 9.07
C VAL B 31 -10.94 2.48 7.84
N LEU B 32 -11.46 2.96 6.71
CA LEU B 32 -10.63 3.26 5.55
C LEU B 32 -10.80 4.73 5.25
N ASN B 33 -9.70 5.46 5.25
CA ASN B 33 -9.68 6.87 4.90
C ASN B 33 -9.04 7.09 3.55
N LEU B 34 -9.66 7.91 2.71
CA LEU B 34 -9.10 8.28 1.42
C LEU B 34 -9.14 9.78 1.24
N GLY B 35 -8.15 10.33 0.55
CA GLY B 35 -8.14 11.76 0.25
C GLY B 35 -6.81 12.31 -0.22
N LYS B 36 -6.53 13.55 0.16
CA LYS B 36 -5.29 14.23 -0.19
C LYS B 36 -4.20 13.97 0.85
N ASP B 37 -4.59 14.02 2.12
CA ASP B 37 -3.70 13.83 3.27
C ASP B 37 -4.55 13.50 4.50
N SER B 38 -3.92 13.32 5.65
CA SER B 38 -4.66 12.86 6.84
C SER B 38 -5.72 13.84 7.34
N ASN B 39 -5.58 15.13 7.01
CA ASN B 39 -6.56 16.15 7.43
C ASN B 39 -7.60 16.49 6.37
N ASN B 40 -7.42 15.95 5.17
CA ASN B 40 -8.30 16.24 4.04
C ASN B 40 -8.76 14.97 3.37
N LEU B 41 -9.94 14.52 3.78
CA LEU B 41 -10.44 13.22 3.36
C LEU B 41 -11.71 13.36 2.55
N CYS B 42 -11.68 12.82 1.33
CA CYS B 42 -12.89 12.74 0.51
C CYS B 42 -13.76 11.58 0.99
N LEU B 43 -13.15 10.58 1.61
CA LEU B 43 -13.91 9.48 2.18
C LEU B 43 -13.33 8.93 3.48
N HIS B 44 -14.10 9.09 4.55
CA HIS B 44 -13.88 8.39 5.80
C HIS B 44 -14.93 7.28 5.84
N PHE B 45 -14.49 6.04 5.64
CA PHE B 45 -15.40 4.90 5.55
C PHE B 45 -15.27 4.09 6.83
N ASN B 46 -16.29 4.17 7.69
CA ASN B 46 -16.24 3.63 9.05
C ASN B 46 -17.41 2.67 9.41
N PRO B 47 -17.29 1.38 9.02
CA PRO B 47 -18.20 0.37 9.57
C PRO B 47 -18.05 0.23 11.08
N ARG B 48 -19.17 0.40 11.78
CA ARG B 48 -19.19 0.29 13.22
C ARG B 48 -20.04 -0.90 13.65
N PHE B 49 -19.39 -1.93 14.19
CA PHE B 49 -20.08 -3.06 14.80
C PHE B 49 -20.79 -2.58 16.06
N ASN B 50 -20.02 -1.98 16.95
CA ASN B 50 -20.54 -1.30 18.13
C ASN B 50 -19.52 -0.26 18.55
N ALA B 51 -19.74 0.98 18.12
CA ALA B 51 -18.87 2.09 18.45
C ALA B 51 -19.63 3.41 18.34
N HIS B 52 -19.31 4.37 19.23
CA HIS B 52 -19.85 5.73 19.17
C HIS B 52 -21.38 5.80 19.13
N GLY B 53 -22.04 4.84 19.78
CA GLY B 53 -23.49 4.80 19.84
C GLY B 53 -24.16 4.25 18.60
N ASP B 54 -23.36 3.75 17.66
CA ASP B 54 -23.88 3.06 16.48
C ASP B 54 -23.63 1.57 16.59
N ALA B 55 -24.63 0.79 16.20
CA ALA B 55 -24.52 -0.67 16.13
C ALA B 55 -24.72 -1.14 14.69
N ASN B 56 -23.80 -1.97 14.21
CA ASN B 56 -23.84 -2.54 12.85
C ASN B 56 -24.23 -1.52 11.79
N THR B 57 -23.51 -0.40 11.77
CA THR B 57 -23.85 0.70 10.86
C THR B 57 -22.58 1.24 10.20
N ILE B 58 -22.63 1.41 8.88
CA ILE B 58 -21.55 2.09 8.16
C ILE B 58 -21.76 3.60 8.25
N VAL B 59 -20.77 4.30 8.81
CA VAL B 59 -20.80 5.75 8.91
C VAL B 59 -19.75 6.28 7.95
N CYS B 60 -20.17 7.19 7.07
CA CYS B 60 -19.26 7.83 6.12
C CYS B 60 -19.23 9.33 6.36
N ASN B 61 -18.05 9.92 6.19
CA ASN B 61 -17.91 11.36 6.31
C ASN B 61 -16.76 11.87 5.46
N SER B 62 -16.69 13.19 5.32
CA SER B 62 -15.53 13.85 4.77
C SER B 62 -14.82 14.57 5.89
N LYS B 63 -13.59 15.00 5.64
CA LYS B 63 -12.84 15.83 6.58
C LYS B 63 -12.12 16.93 5.81
N ASP B 64 -12.48 18.16 6.11
CA ASP B 64 -11.94 19.31 5.41
C ASP B 64 -11.04 20.10 6.37
N ASP B 65 -9.74 20.07 6.10
CA ASP B 65 -8.72 20.68 6.97
C ASP B 65 -8.91 20.34 8.46
N GLY B 66 -9.21 19.08 8.74
CA GLY B 66 -9.37 18.61 10.11
C GLY B 66 -10.79 18.63 10.65
N THR B 67 -11.71 19.28 9.95
CA THR B 67 -13.11 19.35 10.39
C THR B 67 -13.99 18.30 9.69
N TRP B 68 -14.69 17.49 10.50
CA TRP B 68 -15.61 16.49 9.98
C TRP B 68 -16.79 17.19 9.32
N GLY B 69 -17.29 16.63 8.22
CA GLY B 69 -18.50 17.14 7.57
C GLY B 69 -19.75 16.50 8.14
N THR B 70 -20.83 16.50 7.34
CA THR B 70 -22.11 15.90 7.74
C THR B 70 -22.06 14.41 7.46
N GLU B 71 -22.34 13.61 8.50
CA GLU B 71 -22.30 12.15 8.37
C GLU B 71 -23.39 11.58 7.44
N GLN B 72 -23.06 10.47 6.81
CA GLN B 72 -24.00 9.70 6.02
C GLN B 72 -23.95 8.27 6.57
N ARG B 73 -25.12 7.67 6.79
CA ARG B 73 -25.19 6.30 7.30
C ARG B 73 -25.83 5.33 6.32
N GLU B 74 -25.29 4.11 6.25
CA GLU B 74 -25.87 3.05 5.43
C GLU B 74 -26.40 1.92 6.30
N THR B 75 -27.54 1.35 5.89
CA THR B 75 -28.21 0.29 6.65
C THR B 75 -27.52 -1.08 6.56
N ALA B 76 -27.31 -1.57 5.33
CA ALA B 76 -26.67 -2.86 5.14
C ALA B 76 -25.30 -2.90 5.80
N PHE B 77 -24.97 -4.06 6.35
CA PHE B 77 -23.72 -4.21 7.09
C PHE B 77 -23.10 -5.55 6.80
N PRO B 78 -22.51 -5.70 5.59
CA PRO B 78 -21.96 -6.99 5.15
C PRO B 78 -20.60 -7.35 5.75
N PHE B 79 -20.48 -7.28 7.07
CA PHE B 79 -19.22 -7.56 7.76
C PHE B 79 -19.39 -8.47 8.97
N GLN B 80 -18.38 -9.29 9.23
CA GLN B 80 -18.38 -10.15 10.40
C GLN B 80 -17.00 -10.17 11.04
N PRO B 81 -16.95 -9.98 12.38
CA PRO B 81 -15.69 -10.05 13.14
C PRO B 81 -15.00 -11.39 12.94
N GLY B 82 -13.69 -11.37 12.76
CA GLY B 82 -12.92 -12.60 12.59
C GLY B 82 -12.87 -13.13 11.17
N SER B 83 -13.42 -12.37 10.23
CA SER B 83 -13.48 -12.77 8.82
C SER B 83 -12.67 -11.84 7.94
N ILE B 84 -12.33 -12.31 6.74
CA ILE B 84 -11.73 -11.46 5.73
C ILE B 84 -12.85 -10.63 5.10
N THR B 85 -12.54 -9.43 4.63
CA THR B 85 -13.50 -8.62 3.90
C THR B 85 -12.80 -7.89 2.76
N GLU B 86 -13.59 -7.37 1.82
CA GLU B 86 -13.03 -6.62 0.69
C GLU B 86 -13.95 -5.48 0.33
N VAL B 87 -13.37 -4.30 0.13
CA VAL B 87 -14.13 -3.15 -0.32
C VAL B 87 -13.45 -2.58 -1.56
N CYS B 88 -14.25 -2.11 -2.51
CA CYS B 88 -13.71 -1.47 -3.70
C CYS B 88 -14.30 -0.08 -3.86
N ILE B 89 -13.44 0.88 -4.19
CA ILE B 89 -13.85 2.28 -4.27
C ILE B 89 -13.38 2.94 -5.55
N THR B 90 -14.26 3.72 -6.16
CA THR B 90 -13.88 4.57 -7.27
C THR B 90 -14.56 5.92 -7.07
N PHE B 91 -14.33 6.85 -8.00
CA PHE B 91 -14.92 8.18 -7.89
C PHE B 91 -15.01 8.87 -9.24
N ASP B 92 -15.88 9.87 -9.32
CA ASP B 92 -15.92 10.82 -10.43
C ASP B 92 -16.08 12.23 -9.85
N GLN B 93 -16.30 13.21 -10.72
CA GLN B 93 -16.53 14.59 -10.28
C GLN B 93 -17.59 14.74 -9.18
N ALA B 94 -18.66 13.95 -9.29
CA ALA B 94 -19.82 14.11 -8.41
C ALA B 94 -19.74 13.29 -7.13
N ASP B 95 -19.36 12.02 -7.25
CA ASP B 95 -19.46 11.08 -6.13
C ASP B 95 -18.31 10.10 -6.03
N LEU B 96 -18.11 9.58 -4.82
CA LEU B 96 -17.38 8.33 -4.64
C LEU B 96 -18.39 7.18 -4.69
N THR B 97 -17.98 6.06 -5.27
CA THR B 97 -18.79 4.86 -5.29
C THR B 97 -18.10 3.79 -4.46
N ILE B 98 -18.82 3.29 -3.45
CA ILE B 98 -18.30 2.22 -2.59
C ILE B 98 -19.02 0.92 -2.96
N LYS B 99 -18.24 -0.06 -3.38
CA LYS B 99 -18.75 -1.40 -3.69
C LYS B 99 -18.50 -2.33 -2.52
N LEU B 100 -19.59 -2.80 -1.92
CA LEU B 100 -19.55 -3.67 -0.75
C LEU B 100 -19.51 -5.14 -1.17
N PRO B 101 -18.99 -6.03 -0.30
CA PRO B 101 -18.80 -7.46 -0.64
C PRO B 101 -20.08 -8.31 -0.80
N ASP B 102 -21.21 -7.81 -0.30
CA ASP B 102 -22.49 -8.49 -0.50
C ASP B 102 -23.11 -8.13 -1.86
N GLY B 103 -22.38 -7.33 -2.63
CA GLY B 103 -22.79 -6.95 -3.99
C GLY B 103 -23.48 -5.60 -4.03
N HIS B 104 -23.72 -5.03 -2.84
CA HIS B 104 -24.32 -3.70 -2.70
C HIS B 104 -23.33 -2.62 -3.09
N GLU B 105 -23.87 -1.51 -3.58
CA GLU B 105 -23.10 -0.32 -3.90
C GLU B 105 -23.84 0.90 -3.39
N PHE B 106 -23.11 1.90 -2.91
CA PHE B 106 -23.69 3.17 -2.54
C PHE B 106 -22.74 4.31 -2.84
N LYS B 107 -23.27 5.52 -2.91
CA LYS B 107 -22.48 6.69 -3.30
C LYS B 107 -22.29 7.69 -2.16
N PHE B 108 -21.16 8.36 -2.16
CA PHE B 108 -20.87 9.43 -1.20
C PHE B 108 -20.38 10.65 -1.96
N PRO B 109 -21.01 11.82 -1.70
CA PRO B 109 -20.68 13.00 -2.50
C PRO B 109 -19.21 13.43 -2.40
N ASN B 110 -18.64 13.82 -3.54
CA ASN B 110 -17.27 14.32 -3.63
C ASN B 110 -17.24 15.80 -3.23
N ARG B 111 -17.43 16.05 -1.93
CA ARG B 111 -17.62 17.40 -1.38
C ARG B 111 -16.44 18.33 -1.58
N LEU B 112 -15.24 17.75 -1.52
CA LEU B 112 -14.00 18.53 -1.62
C LEU B 112 -13.50 18.65 -3.06
N ASN B 113 -14.33 18.21 -4.01
CA ASN B 113 -14.03 18.25 -5.45
C ASN B 113 -12.67 17.65 -5.84
N MET B 114 -12.33 16.52 -5.23
CA MET B 114 -11.04 15.88 -5.50
C MET B 114 -11.00 15.30 -6.91
N GLU B 115 -9.93 15.64 -7.64
CA GLU B 115 -9.70 15.11 -8.98
C GLU B 115 -8.67 13.98 -8.95
N ALA B 116 -8.04 13.82 -7.79
CA ALA B 116 -7.08 12.75 -7.57
C ALA B 116 -7.07 12.35 -6.10
N ILE B 117 -6.96 11.05 -5.85
CA ILE B 117 -6.84 10.54 -4.48
C ILE B 117 -5.38 10.13 -4.29
N ASN B 118 -4.76 10.80 -3.33
CA ASN B 118 -3.32 10.72 -3.07
C ASN B 118 -2.99 9.88 -1.83
N TYR B 119 -3.97 9.72 -0.95
CA TYR B 119 -3.74 9.20 0.39
C TYR B 119 -4.77 8.14 0.73
N MET B 120 -4.32 7.04 1.32
CA MET B 120 -5.20 6.09 1.99
C MET B 120 -4.63 5.65 3.34
N ALA B 121 -5.53 5.32 4.26
CA ALA B 121 -5.11 4.83 5.57
C ALA B 121 -6.15 3.88 6.12
N ALA B 122 -5.66 2.79 6.73
CA ALA B 122 -6.53 1.87 7.44
C ALA B 122 -6.37 2.13 8.94
N ASP B 123 -7.44 1.93 9.68
CA ASP B 123 -7.43 2.15 11.12
C ASP B 123 -8.47 1.25 11.77
N GLY B 124 -8.37 1.09 13.08
CA GLY B 124 -9.33 0.25 13.81
C GLY B 124 -9.05 -1.23 13.68
N ASP B 125 -10.12 -2.03 13.75
CA ASP B 125 -9.99 -3.47 13.95
C ASP B 125 -9.90 -4.28 12.66
N PHE B 126 -9.02 -3.83 11.79
CA PHE B 126 -8.89 -4.29 10.40
C PHE B 126 -7.40 -4.30 10.07
N LYS B 127 -6.91 -5.39 9.49
CA LYS B 127 -5.51 -5.49 9.05
C LYS B 127 -5.51 -5.70 7.54
N VAL B 128 -4.97 -4.72 6.81
CA VAL B 128 -4.93 -4.80 5.36
C VAL B 128 -4.07 -6.01 4.96
N LYS B 129 -4.58 -6.78 4.02
CA LYS B 129 -3.85 -7.93 3.50
C LYS B 129 -3.49 -7.77 2.03
N CYS B 130 -4.22 -6.90 1.33
CA CYS B 130 -3.98 -6.68 -0.08
C CYS B 130 -4.57 -5.35 -0.50
N VAL B 131 -3.78 -4.58 -1.25
CA VAL B 131 -4.30 -3.38 -1.90
C VAL B 131 -4.00 -3.49 -3.39
N ALA B 132 -5.01 -3.23 -4.22
CA ALA B 132 -4.83 -3.32 -5.66
C ALA B 132 -5.41 -2.10 -6.38
N PHE B 133 -4.74 -1.70 -7.47
CA PHE B 133 -5.15 -0.67 -8.42
C PHE B 133 -5.21 -1.36 -9.81
N GLU B 134 -5.96 -0.90 -10.82
CA GLU B 134 -6.75 0.33 -10.91
C GLU B 134 -6.59 1.37 -9.81
C1 GLC C . 28.72 4.77 -8.14
C2 GLC C . 27.88 3.51 -7.98
C3 GLC C . 26.40 3.84 -8.21
C4 GLC C . 25.94 4.93 -7.23
C5 GLC C . 26.91 6.13 -7.26
C6 GLC C . 26.68 7.04 -6.07
O1 GLC C . 28.62 5.26 -9.46
O2 GLC C . 28.33 2.55 -8.89
O3 GLC C . 25.61 2.67 -8.06
O4 GLC C . 24.63 5.31 -7.58
O5 GLC C . 28.28 5.74 -7.21
O6 GLC C . 25.78 8.06 -6.45
C1 GAL C . 23.66 5.40 -6.55
C2 GAL C . 22.35 5.95 -7.10
C3 GAL C . 21.25 5.91 -6.03
C4 GAL C . 21.16 4.52 -5.40
C5 GAL C . 22.55 4.14 -4.89
C6 GAL C . 22.55 2.77 -4.23
O2 GAL C . 22.54 7.28 -7.53
O3 GAL C . 20.01 6.27 -6.57
O4 GAL C . 20.67 3.58 -6.34
O5 GAL C . 23.47 4.13 -5.96
O6 GAL C . 23.86 2.42 -3.86
C1 GLC D . -21.56 12.10 17.28
C2 GLC D . -21.61 11.15 16.07
C3 GLC D . -20.38 10.24 16.06
C4 GLC D . -19.10 11.06 16.12
C5 GLC D . -19.16 11.99 17.34
C6 GLC D . -17.95 12.92 17.44
O1 GLC D . -21.74 11.37 18.47
O2 GLC D . -22.80 10.40 16.12
O3 GLC D . -20.40 9.42 14.90
O4 GLC D . -17.99 10.19 16.18
O5 GLC D . -20.33 12.80 17.30
O6 GLC D . -17.84 13.72 16.28
C1 GAL D . -16.89 10.45 15.33
C2 GAL D . -15.77 9.48 15.66
C3 GAL D . -14.61 9.64 14.67
C4 GAL D . -15.11 9.63 13.23
C5 GAL D . -16.26 10.64 13.08
C6 GAL D . -16.81 10.67 11.66
O2 GAL D . -15.30 9.73 16.98
O3 GAL D . -13.66 8.63 14.87
O4 GAL D . -15.55 8.32 12.88
O5 GAL D . -17.30 10.33 13.98
O6 GAL D . -17.88 11.58 11.56
#